data_7CB9
#
_entry.id   7CB9
#
_cell.length_a   108.500
_cell.length_b   108.500
_cell.length_c   105.685
_cell.angle_alpha   90.000
_cell.angle_beta   90.000
_cell.angle_gamma   120.000
#
_symmetry.space_group_name_H-M   'P 31 2 1'
#
loop_
_entity.id
_entity.type
_entity.pdbx_description
1 polymer 'Ferruginol synthase'
2 non-polymer 'PROTOPORPHYRIN IX CONTAINING FE'
3 non-polymer Miltiradiene
4 water water
#
_entity_poly.entity_id   1
_entity_poly.type   'polypeptide(L)'
_entity_poly.pdbx_seq_one_letter_code
;MDSFPLLAALFFIAATITFLSFRRRRNLPPGPFPYPIVGNMLQLGANPHQVFAKLSKRYGPLMSIHLGSLYTVIVSSPEM
AKEILHRHGQVFSGRTIAQAVHACDHDKISMGFLPVASEWRDMRKICKEQMFSNQSMEASQGLRRQKLQQLLDHVQKCSD
SGRAVDIREAAFITTLNLMSATLFSSQATEFDSKATMEFKEIIEGVATIVGVPNFADYFPILRPFDPQGVKRRADVFFGK
LLAKIEGYLNERLESKRANPNAPKKDDFLEIVVDIIQANEFKLKTHHFTHLMLDLFVGGSDTNTTSIEWAMSELVMNPDK
MARLKAELKSVAGDEKIVDESAMPKLPYLQAVIKEVMRIHPPGPLLLPRKAESDQEVNGYLIPKGTQILINAYAIGRDPS
IWTDPETFDPERFLDNKIDFKGQDYELLPFGSGRRVCPGMPLATRILHMATATLVHNFDWKLEDDSTAAADHAGELFGVA
VRRAVPLRIIPIVKS
;
_entity_poly.pdbx_strand_id   A
#
loop_
_chem_comp.id
_chem_comp.type
_chem_comp.name
_chem_comp.formula
HEM non-polymer 'PROTOPORPHYRIN IX CONTAINING FE' 'C34 H32 Fe N4 O4'
J6C non-polymer Miltiradiene 'C20 H32'
#
# COMPACT_ATOMS: atom_id res chain seq x y z
N LEU A 28 -7.08 31.47 -4.56
CA LEU A 28 -6.94 29.98 -4.62
C LEU A 28 -5.83 29.61 -5.58
N PRO A 29 -5.22 28.44 -5.40
CA PRO A 29 -4.23 28.00 -6.36
C PRO A 29 -4.80 27.93 -7.75
N PRO A 30 -3.96 28.14 -8.75
CA PRO A 30 -4.42 28.10 -10.14
C PRO A 30 -4.80 26.70 -10.56
N GLY A 31 -5.59 26.64 -11.62
CA GLY A 31 -6.00 25.36 -12.18
C GLY A 31 -6.92 25.47 -13.37
N PRO A 32 -7.28 24.32 -13.93
CA PRO A 32 -8.07 24.31 -15.16
C PRO A 32 -9.49 24.81 -14.89
N PHE A 33 -10.06 25.49 -15.90
CA PHE A 33 -11.41 26.03 -15.77
C PHE A 33 -12.42 24.97 -15.36
N PRO A 34 -13.11 25.14 -14.24
CA PRO A 34 -14.13 24.17 -13.80
C PRO A 34 -15.48 24.46 -14.40
N TYR A 35 -16.11 23.47 -15.02
CA TYR A 35 -17.43 23.66 -15.56
C TYR A 35 -18.51 23.60 -14.50
N PRO A 36 -19.66 24.23 -14.77
CA PRO A 36 -20.80 24.09 -13.85
C PRO A 36 -21.11 22.64 -13.58
N ILE A 37 -21.58 22.36 -12.36
CA ILE A 37 -21.90 21.06 -11.85
C ILE A 37 -20.73 20.10 -11.71
N VAL A 38 -20.09 19.78 -12.81
CA VAL A 38 -19.08 18.74 -12.84
C VAL A 38 -17.66 19.20 -12.47
N GLY A 39 -17.41 20.50 -12.46
CA GLY A 39 -16.04 20.91 -12.19
C GLY A 39 -15.08 20.43 -13.25
N ASN A 40 -13.99 19.79 -12.81
CA ASN A 40 -12.99 19.25 -13.69
C ASN A 40 -13.13 17.75 -13.90
N MET A 41 -14.22 17.14 -13.39
CA MET A 41 -14.29 15.69 -13.34
C MET A 41 -14.28 15.04 -14.71
N LEU A 42 -14.77 15.74 -15.75
CA LEU A 42 -14.90 15.09 -17.05
C LEU A 42 -13.58 14.90 -17.78
N GLN A 43 -12.52 15.53 -17.31
CA GLN A 43 -11.22 15.51 -17.98
C GLN A 43 -10.26 14.47 -17.39
N LEU A 44 -10.69 13.75 -16.37
CA LEU A 44 -9.76 12.95 -15.57
C LEU A 44 -9.48 11.59 -16.17
N GLY A 45 -10.47 11.01 -16.87
CA GLY A 45 -10.20 9.77 -17.58
C GLY A 45 -9.97 8.59 -16.65
N ALA A 46 -9.35 7.57 -17.21
CA ALA A 46 -9.21 6.31 -16.48
C ALA A 46 -8.00 6.32 -15.57
N ASN A 47 -7.04 7.21 -15.80
CA ASN A 47 -5.84 7.32 -14.95
C ASN A 47 -5.65 8.75 -14.50
N PRO A 48 -6.44 9.18 -13.53
CA PRO A 48 -6.40 10.60 -13.12
C PRO A 48 -5.05 11.07 -12.69
N HIS A 49 -4.25 10.21 -12.07
CA HIS A 49 -2.91 10.66 -11.64
C HIS A 49 -2.06 11.08 -12.82
N GLN A 50 -2.25 10.42 -13.98
CA GLN A 50 -1.50 10.82 -15.18
C GLN A 50 -2.02 12.17 -15.71
N VAL A 51 -3.32 12.35 -15.74
CA VAL A 51 -3.88 13.63 -16.15
C VAL A 51 -3.41 14.73 -15.23
N PHE A 52 -3.41 14.48 -13.92
CA PHE A 52 -2.99 15.53 -12.99
C PHE A 52 -1.52 15.86 -13.19
N ALA A 53 -0.69 14.87 -13.47
CA ALA A 53 0.73 15.12 -13.68
C ALA A 53 0.95 16.04 -14.88
N LYS A 54 0.23 15.79 -15.96
CA LYS A 54 0.38 16.69 -17.12
C LYS A 54 -0.21 18.07 -16.86
N LEU A 55 -1.36 18.15 -16.19
CA LEU A 55 -1.93 19.44 -15.86
C LEU A 55 -0.97 20.26 -14.99
N SER A 56 -0.32 19.64 -14.02
CA SER A 56 0.49 20.45 -13.11
C SER A 56 1.72 21.00 -13.79
N LYS A 57 2.13 20.45 -14.93
CA LYS A 57 3.18 21.10 -15.73
C LYS A 57 2.75 22.47 -16.25
N ARG A 58 1.46 22.64 -16.49
CA ARG A 58 0.90 23.90 -16.93
C ARG A 58 0.54 24.86 -15.80
N TYR A 59 -0.11 24.37 -14.74
CA TYR A 59 -0.65 25.24 -13.71
C TYR A 59 0.24 25.36 -12.49
N GLY A 60 1.15 24.44 -12.29
CA GLY A 60 2.10 24.52 -11.22
C GLY A 60 1.94 23.45 -10.15
N PRO A 61 2.82 23.49 -9.15
CA PRO A 61 2.85 22.45 -8.12
C PRO A 61 1.81 22.54 -7.03
N LEU A 62 1.00 23.58 -6.98
CA LEU A 62 -0.22 23.64 -6.20
C LEU A 62 -1.32 23.99 -7.17
N MET A 63 -2.27 23.05 -7.36
CA MET A 63 -3.24 23.20 -8.44
C MET A 63 -4.64 22.88 -7.93
N SER A 64 -5.57 23.80 -8.17
CA SER A 64 -6.98 23.64 -7.83
C SER A 64 -7.66 22.69 -8.81
N ILE A 65 -8.39 21.69 -8.29
CA ILE A 65 -9.21 20.77 -9.09
C ILE A 65 -10.56 20.68 -8.39
N HIS A 66 -11.63 20.83 -9.17
CA HIS A 66 -12.99 20.76 -8.64
C HIS A 66 -13.58 19.40 -9.01
N LEU A 67 -13.63 18.51 -8.03
CA LEU A 67 -14.21 17.17 -8.27
C LEU A 67 -15.68 17.32 -7.95
N GLY A 68 -16.41 17.86 -8.89
CA GLY A 68 -17.77 18.34 -8.61
C GLY A 68 -17.70 19.41 -7.54
N SER A 69 -18.42 19.23 -6.43
CA SER A 69 -18.32 20.15 -5.31
C SER A 69 -17.22 19.83 -4.32
N LEU A 70 -16.46 18.77 -4.52
CA LEU A 70 -15.37 18.42 -3.61
C LEU A 70 -14.10 19.17 -4.05
N TYR A 71 -13.84 20.31 -3.40
CA TYR A 71 -12.70 21.15 -3.81
C TYR A 71 -11.39 20.52 -3.33
N THR A 72 -10.42 20.43 -4.23
CA THR A 72 -9.20 19.68 -4.04
C THR A 72 -8.01 20.52 -4.49
N VAL A 73 -6.89 20.36 -3.80
CA VAL A 73 -5.62 20.91 -4.29
C VAL A 73 -4.62 19.78 -4.47
N ILE A 74 -4.04 19.72 -5.68
CA ILE A 74 -3.01 18.75 -6.02
C ILE A 74 -1.64 19.33 -5.75
N VAL A 75 -0.81 18.55 -5.08
CA VAL A 75 0.57 18.93 -4.70
C VAL A 75 1.51 18.10 -5.56
N SER A 76 2.33 18.77 -6.34
CA SER A 76 3.17 18.04 -7.26
C SER A 76 4.65 18.43 -7.37
N SER A 77 5.19 18.94 -6.28
CA SER A 77 6.59 19.31 -6.15
C SER A 77 7.15 18.79 -4.85
N PRO A 78 8.42 18.41 -4.76
CA PRO A 78 8.98 18.13 -3.44
C PRO A 78 8.87 19.38 -2.53
N GLU A 79 9.06 20.56 -3.09
CA GLU A 79 8.98 21.75 -2.29
C GLU A 79 7.61 21.95 -1.67
N MET A 80 6.57 21.77 -2.47
CA MET A 80 5.21 21.97 -1.96
C MET A 80 4.80 20.81 -1.06
N ALA A 81 5.28 19.56 -1.35
CA ALA A 81 5.01 18.47 -0.42
C ALA A 81 5.59 18.77 0.96
N LYS A 82 6.80 19.34 1.02
CA LYS A 82 7.37 19.66 2.33
C LYS A 82 6.57 20.76 3.02
N GLU A 83 6.14 21.79 2.28
CA GLU A 83 5.36 22.86 2.89
C GLU A 83 4.09 22.28 3.50
N ILE A 84 3.42 21.39 2.76
CA ILE A 84 2.14 20.85 3.20
C ILE A 84 2.34 19.83 4.32
N LEU A 85 3.21 18.87 4.09
CA LEU A 85 3.29 17.71 4.98
C LEU A 85 4.17 17.98 6.21
N HIS A 86 5.11 18.89 6.10
CA HIS A 86 6.00 19.17 7.22
C HIS A 86 5.85 20.55 7.82
N ARG A 87 6.06 21.61 7.07
CA ARG A 87 5.93 22.92 7.71
C ARG A 87 4.54 23.20 8.31
N HIS A 88 3.51 22.87 7.56
CA HIS A 88 2.13 23.00 8.01
C HIS A 88 1.51 21.63 8.26
N GLY A 89 2.33 20.70 8.74
CA GLY A 89 1.91 19.32 8.85
C GLY A 89 0.75 19.07 9.79
N GLN A 90 0.56 19.93 10.80
CA GLN A 90 -0.57 19.74 11.68
C GLN A 90 -1.85 20.24 11.02
N VAL A 91 -1.78 21.39 10.36
CA VAL A 91 -2.97 21.89 9.65
C VAL A 91 -3.44 20.88 8.61
N PHE A 92 -2.52 20.24 7.90
CA PHE A 92 -2.90 19.29 6.84
C PHE A 92 -2.84 17.85 7.31
N SER A 93 -3.07 17.64 8.59
CA SER A 93 -3.06 16.35 9.25
C SER A 93 -4.36 15.54 9.17
N GLY A 94 -5.44 16.17 8.72
CA GLY A 94 -6.71 15.48 8.60
C GLY A 94 -6.77 14.59 7.37
N ARG A 95 -7.83 13.82 7.26
CA ARG A 95 -8.17 13.06 6.09
C ARG A 95 -9.52 13.51 5.53
N THR A 96 -9.63 13.46 4.20
CA THR A 96 -10.92 13.44 3.53
C THR A 96 -11.45 12.00 3.57
N ILE A 97 -12.73 11.84 3.89
CA ILE A 97 -13.30 10.53 4.17
C ILE A 97 -14.34 10.21 3.12
N ALA A 98 -14.03 9.23 2.28
CA ALA A 98 -14.96 8.73 1.28
C ALA A 98 -16.17 8.12 1.94
N GLN A 99 -17.33 8.24 1.26
CA GLN A 99 -18.54 7.65 1.83
C GLN A 99 -18.40 6.15 2.07
N ALA A 100 -17.65 5.44 1.23
CA ALA A 100 -17.50 4.00 1.45
C ALA A 100 -16.93 3.71 2.82
N VAL A 101 -16.17 4.65 3.35
CA VAL A 101 -15.51 4.48 4.62
C VAL A 101 -16.44 4.52 5.83
N HIS A 102 -17.66 4.97 5.61
CA HIS A 102 -18.68 4.98 6.66
C HIS A 102 -19.23 3.59 6.96
N ALA A 103 -18.89 2.60 6.15
CA ALA A 103 -19.33 1.23 6.41
C ALA A 103 -18.94 0.81 7.82
N CYS A 104 -19.89 0.23 8.54
CA CYS A 104 -19.77 -0.18 9.93
C CYS A 104 -19.05 0.89 10.76
N ASP A 105 -19.36 2.15 10.42
CA ASP A 105 -18.88 3.31 11.15
C ASP A 105 -17.36 3.34 11.29
N HIS A 106 -16.67 2.73 10.32
CA HIS A 106 -15.22 2.76 10.32
C HIS A 106 -14.68 4.17 10.37
N ASP A 107 -15.36 5.13 9.76
CA ASP A 107 -14.90 6.49 9.75
C ASP A 107 -14.74 7.06 11.15
N LYS A 108 -15.54 6.55 12.11
CA LYS A 108 -15.48 7.13 13.44
C LYS A 108 -14.58 6.35 14.38
N ILE A 109 -13.97 5.27 13.90
CA ILE A 109 -13.18 4.37 14.72
C ILE A 109 -11.74 4.24 14.23
N SER A 110 -11.51 4.48 12.96
CA SER A 110 -10.31 4.08 12.21
C SER A 110 -9.13 5.00 12.44
N MET A 111 -7.95 4.42 12.74
CA MET A 111 -6.73 5.20 12.78
C MET A 111 -6.42 5.84 11.41
N GLY A 112 -6.92 5.23 10.35
CA GLY A 112 -6.69 5.77 9.03
C GLY A 112 -7.42 7.04 8.73
N PHE A 113 -8.51 7.36 9.46
CA PHE A 113 -9.41 8.47 9.10
C PHE A 113 -9.78 9.38 10.24
N LEU A 114 -9.58 8.99 11.50
CA LEU A 114 -9.82 9.89 12.62
C LEU A 114 -8.89 11.11 12.53
N PRO A 115 -9.31 12.23 13.08
CA PRO A 115 -8.40 13.37 13.18
C PRO A 115 -7.28 13.07 14.16
N VAL A 116 -6.19 13.83 14.01
CA VAL A 116 -5.09 13.70 14.96
C VAL A 116 -5.63 14.17 16.30
N ALA A 117 -5.74 13.24 17.22
CA ALA A 117 -6.22 13.50 18.58
C ALA A 117 -5.86 12.27 19.42
N SER A 118 -6.36 12.22 20.65
CA SER A 118 -5.89 11.21 21.59
C SER A 118 -6.05 9.78 21.06
N GLU A 119 -7.23 9.45 20.51
CA GLU A 119 -7.44 8.09 20.05
C GLU A 119 -6.48 7.71 18.90
N TRP A 120 -6.36 8.58 17.91
CA TRP A 120 -5.39 8.34 16.83
C TRP A 120 -3.96 8.21 17.38
N ARG A 121 -3.58 9.09 18.30
CA ARG A 121 -2.24 9.06 18.86
C ARG A 121 -1.96 7.74 19.56
N ASP A 122 -2.92 7.23 20.33
CA ASP A 122 -2.71 5.96 21.02
C ASP A 122 -2.52 4.82 20.02
N MET A 123 -3.34 4.79 18.97
CA MET A 123 -3.26 3.72 18.00
C MET A 123 -1.96 3.81 17.23
N ARG A 124 -1.51 5.03 16.91
CA ARG A 124 -0.22 5.20 16.24
C ARG A 124 0.93 4.72 17.11
N LYS A 125 0.86 5.00 18.42
CA LYS A 125 1.90 4.57 19.36
C LYS A 125 1.94 3.06 19.45
N ILE A 126 0.77 2.41 19.51
CA ILE A 126 0.73 0.97 19.53
C ILE A 126 1.40 0.40 18.29
N CYS A 127 1.15 1.03 17.13
CA CYS A 127 1.78 0.46 15.95
C CYS A 127 3.28 0.71 15.96
N LYS A 128 3.73 1.89 16.35
CA LYS A 128 5.15 2.23 16.23
C LYS A 128 5.97 1.45 17.26
N GLU A 129 5.49 1.42 18.49
CA GLU A 129 6.30 0.91 19.59
C GLU A 129 6.11 -0.57 19.84
N GLN A 130 4.95 -1.13 19.45
CA GLN A 130 4.71 -2.54 19.69
C GLN A 130 4.54 -3.37 18.42
N MET A 131 3.67 -2.99 17.48
CA MET A 131 3.41 -3.92 16.38
C MET A 131 4.54 -3.94 15.34
N PHE A 132 5.07 -2.77 14.98
CA PHE A 132 6.06 -2.65 13.92
C PHE A 132 7.44 -2.32 14.46
N SER A 133 7.67 -2.56 15.74
CA SER A 133 8.98 -2.51 16.39
C SER A 133 9.97 -3.44 15.71
N ASN A 134 11.26 -3.14 15.84
CA ASN A 134 12.26 -4.11 15.37
C ASN A 134 12.07 -5.46 16.04
N GLN A 135 11.77 -5.44 17.34
CA GLN A 135 11.61 -6.66 18.11
C GLN A 135 10.45 -7.48 17.55
N SER A 136 9.31 -6.82 17.27
CA SER A 136 8.21 -7.60 16.77
C SER A 136 8.44 -8.08 15.35
N MET A 137 9.04 -7.27 14.48
CA MET A 137 9.26 -7.74 13.13
C MET A 137 10.23 -8.92 13.11
N GLU A 138 11.28 -8.86 13.93
CA GLU A 138 12.22 -9.98 13.99
C GLU A 138 11.54 -11.23 14.55
N ALA A 139 10.68 -11.07 15.53
CA ALA A 139 10.01 -12.22 16.14
C ALA A 139 9.10 -12.97 15.16
N SER A 140 8.53 -12.28 14.16
CA SER A 140 7.62 -12.82 13.15
C SER A 140 8.32 -13.31 11.89
N GLN A 141 9.64 -13.16 11.85
CA GLN A 141 10.35 -13.51 10.66
C GLN A 141 10.10 -14.94 10.30
N GLY A 142 10.04 -15.89 11.29
CA GLY A 142 9.84 -17.31 11.03
C GLY A 142 8.44 -17.62 10.50
N LEU A 143 7.43 -16.93 11.06
CA LEU A 143 6.09 -17.07 10.54
C LEU A 143 6.06 -16.74 9.05
N ARG A 144 6.75 -15.66 8.64
CA ARG A 144 6.72 -15.31 7.21
C ARG A 144 7.54 -16.29 6.39
N ARG A 145 8.64 -16.81 6.96
CA ARG A 145 9.49 -17.72 6.22
C ARG A 145 8.71 -18.91 5.70
N GLN A 146 7.81 -19.46 6.50
CA GLN A 146 7.08 -20.63 6.00
C GLN A 146 6.20 -20.27 4.82
N LYS A 147 5.60 -19.06 4.81
CA LYS A 147 4.78 -18.68 3.68
C LYS A 147 5.63 -18.48 2.42
N LEU A 148 6.86 -17.98 2.59
CA LEU A 148 7.75 -17.86 1.46
C LEU A 148 8.10 -19.23 0.90
N GLN A 149 8.35 -20.20 1.78
CA GLN A 149 8.59 -21.58 1.36
C GLN A 149 7.39 -22.13 0.58
N GLN A 150 6.17 -21.83 1.02
CA GLN A 150 5.00 -22.26 0.29
C GLN A 150 4.96 -21.65 -1.10
N LEU A 151 5.32 -20.36 -1.21
CA LEU A 151 5.37 -19.75 -2.53
C LEU A 151 6.38 -20.47 -3.41
N LEU A 152 7.56 -20.75 -2.85
CA LEU A 152 8.62 -21.45 -3.57
C LEU A 152 8.13 -22.78 -4.13
N ASP A 153 7.47 -23.54 -3.28
CA ASP A 153 6.96 -24.85 -3.70
C ASP A 153 5.92 -24.71 -4.82
N HIS A 154 5.02 -23.72 -4.69
CA HIS A 154 4.00 -23.51 -5.71
C HIS A 154 4.64 -23.19 -7.06
N VAL A 155 5.61 -22.29 -7.07
CA VAL A 155 6.22 -21.90 -8.33
C VAL A 155 7.04 -23.06 -8.88
N GLN A 156 7.59 -23.89 -8.00
CA GLN A 156 8.35 -25.05 -8.45
C GLN A 156 7.47 -25.99 -9.27
N LYS A 157 6.20 -26.14 -8.89
CA LYS A 157 5.34 -27.04 -9.67
C LYS A 157 5.08 -26.47 -11.04
N CYS A 158 4.72 -25.18 -11.14
CA CYS A 158 4.52 -24.53 -12.43
C CYS A 158 5.77 -24.64 -13.28
N SER A 159 6.94 -24.57 -12.64
CA SER A 159 8.16 -24.66 -13.42
C SER A 159 8.38 -26.07 -13.96
N ASP A 160 8.03 -27.11 -13.20
CA ASP A 160 8.16 -28.48 -13.72
C ASP A 160 7.26 -28.70 -14.93
N SER A 161 5.97 -28.36 -14.80
CA SER A 161 4.93 -28.42 -15.82
C SER A 161 5.25 -27.59 -17.06
N GLY A 162 6.12 -26.59 -16.90
CA GLY A 162 6.31 -25.60 -17.95
C GLY A 162 5.26 -24.52 -18.04
N ARG A 163 4.40 -24.42 -17.06
CA ARG A 163 3.35 -23.45 -17.08
C ARG A 163 3.76 -22.02 -16.70
N ALA A 164 3.15 -21.04 -17.32
CA ALA A 164 3.38 -19.66 -16.91
C ALA A 164 2.70 -19.38 -15.58
N VAL A 165 3.35 -18.57 -14.74
CA VAL A 165 2.77 -18.13 -13.49
C VAL A 165 2.10 -16.77 -13.71
N ASP A 166 0.88 -16.64 -13.21
CA ASP A 166 0.19 -15.35 -13.17
C ASP A 166 0.71 -14.62 -11.93
N ILE A 167 1.63 -13.68 -12.13
CA ILE A 167 2.32 -13.05 -11.00
C ILE A 167 1.34 -12.24 -10.15
N ARG A 168 0.33 -11.63 -10.76
CA ARG A 168 -0.63 -10.91 -9.94
C ARG A 168 -1.29 -11.84 -8.92
N GLU A 169 -1.76 -13.00 -9.39
CA GLU A 169 -2.43 -13.90 -8.45
C GLU A 169 -1.45 -14.49 -7.46
N ALA A 170 -0.25 -14.88 -7.91
CA ALA A 170 0.75 -15.41 -6.99
C ALA A 170 1.13 -14.38 -5.93
N ALA A 171 1.36 -13.12 -6.36
CA ALA A 171 1.70 -12.07 -5.37
C ALA A 171 0.55 -11.80 -4.43
N PHE A 172 -0.68 -11.80 -4.93
CA PHE A 172 -1.85 -11.57 -4.09
C PHE A 172 -1.93 -12.61 -2.98
N ILE A 173 -1.88 -13.88 -3.35
CA ILE A 173 -1.96 -14.95 -2.36
C ILE A 173 -0.78 -14.87 -1.39
N THR A 174 0.43 -14.70 -1.92
CA THR A 174 1.59 -14.63 -1.04
C THR A 174 1.47 -13.48 -0.03
N THR A 175 1.02 -12.32 -0.50
CA THR A 175 0.89 -11.17 0.40
C THR A 175 -0.16 -11.45 1.48
N LEU A 176 -1.30 -12.00 1.07
CA LEU A 176 -2.32 -12.34 2.06
C LEU A 176 -1.81 -13.35 3.06
N ASN A 177 -1.05 -14.34 2.60
CA ASN A 177 -0.44 -15.32 3.48
C ASN A 177 0.58 -14.68 4.43
N LEU A 178 1.44 -13.80 3.90
CA LEU A 178 2.42 -13.15 4.77
C LEU A 178 1.75 -12.21 5.77
N MET A 179 0.72 -11.46 5.33
CA MET A 179 -0.04 -10.61 6.24
C MET A 179 -0.77 -11.47 7.28
N SER A 180 -1.44 -12.54 6.84
CA SER A 180 -2.18 -13.38 7.79
C SER A 180 -1.25 -14.01 8.81
N ALA A 181 -0.07 -14.45 8.39
CA ALA A 181 0.90 -15.01 9.33
C ALA A 181 1.31 -13.99 10.38
N THR A 182 1.64 -12.78 9.95
CA THR A 182 2.16 -11.79 10.87
C THR A 182 1.08 -11.34 11.84
N LEU A 183 -0.15 -11.13 11.33
CA LEU A 183 -1.20 -10.58 12.18
C LEU A 183 -1.88 -11.65 13.04
N PHE A 184 -2.09 -12.83 12.45
CA PHE A 184 -2.91 -13.85 13.12
C PHE A 184 -2.25 -15.19 13.33
N SER A 185 -1.01 -15.35 12.89
CA SER A 185 -0.35 -16.65 13.00
C SER A 185 -1.13 -17.66 12.21
N SER A 186 -1.70 -17.33 11.08
CA SER A 186 -2.54 -18.28 10.41
C SER A 186 -1.74 -19.49 10.00
N GLN A 187 -2.36 -20.62 10.22
CA GLN A 187 -1.72 -21.89 10.09
C GLN A 187 -1.45 -22.54 8.77
N ALA A 188 -2.48 -22.54 7.95
CA ALA A 188 -2.53 -23.20 6.65
C ALA A 188 -1.28 -23.66 5.92
N THR A 189 -1.22 -24.96 5.73
CA THR A 189 -0.13 -25.59 5.01
C THR A 189 -0.27 -25.49 3.50
N GLU A 190 -1.44 -25.18 2.98
CA GLU A 190 -1.57 -25.03 1.55
C GLU A 190 -1.39 -23.54 1.16
N PHE A 191 -0.74 -23.29 0.03
CA PHE A 191 -0.56 -21.94 -0.48
C PHE A 191 -1.89 -21.21 -0.61
N ASP A 192 -2.81 -21.76 -1.40
CA ASP A 192 -4.14 -21.19 -1.56
C ASP A 192 -5.17 -21.81 -0.61
N SER A 193 -4.97 -21.66 0.67
CA SER A 193 -5.93 -22.19 1.61
C SER A 193 -7.31 -21.54 1.54
N LYS A 194 -8.28 -22.23 2.11
CA LYS A 194 -9.59 -21.62 2.01
C LYS A 194 -9.67 -20.35 2.82
N ALA A 195 -9.02 -20.21 3.98
CA ALA A 195 -9.04 -18.92 4.66
C ALA A 195 -8.44 -17.83 3.76
N THR A 196 -7.31 -18.12 3.13
CA THR A 196 -6.67 -17.13 2.29
C THR A 196 -7.56 -16.72 1.14
N MET A 197 -8.23 -17.69 0.52
CA MET A 197 -9.06 -17.36 -0.63
C MET A 197 -10.33 -16.62 -0.21
N GLU A 198 -10.72 -16.70 1.04
CA GLU A 198 -11.84 -15.92 1.48
C GLU A 198 -11.39 -14.48 1.67
N PHE A 199 -10.23 -14.27 2.29
CA PHE A 199 -9.63 -12.94 2.35
C PHE A 199 -9.55 -12.32 0.97
N LYS A 200 -9.10 -13.10 -0.01
CA LYS A 200 -8.89 -12.58 -1.35
C LYS A 200 -10.20 -12.10 -1.93
N GLU A 201 -11.28 -12.87 -1.74
CA GLU A 201 -12.60 -12.48 -2.19
C GLU A 201 -13.02 -11.15 -1.61
N ILE A 202 -12.75 -10.99 -0.33
CA ILE A 202 -13.17 -9.79 0.40
C ILE A 202 -12.36 -8.60 -0.08
N ILE A 203 -11.04 -8.75 -0.16
CA ILE A 203 -10.19 -7.63 -0.59
C ILE A 203 -10.53 -7.22 -2.02
N GLU A 204 -10.68 -8.21 -2.92
CA GLU A 204 -11.08 -7.88 -4.28
C GLU A 204 -12.42 -7.15 -4.29
N GLY A 205 -13.35 -7.56 -3.42
CA GLY A 205 -14.65 -6.92 -3.38
C GLY A 205 -14.58 -5.48 -2.95
N VAL A 206 -13.81 -5.19 -1.90
CA VAL A 206 -13.62 -3.81 -1.48
C VAL A 206 -13.04 -2.99 -2.63
N ALA A 207 -12.11 -3.57 -3.39
CA ALA A 207 -11.44 -2.83 -4.45
C ALA A 207 -12.40 -2.53 -5.61
N THR A 208 -13.31 -3.44 -5.90
CA THR A 208 -14.31 -3.17 -6.94
C THR A 208 -15.23 -2.03 -6.55
N ILE A 209 -15.65 -1.99 -5.29
CA ILE A 209 -16.52 -0.95 -4.76
C ILE A 209 -15.84 0.41 -4.82
N VAL A 210 -14.74 0.52 -4.09
CA VAL A 210 -14.03 1.80 -3.95
C VAL A 210 -13.36 2.19 -5.26
N GLY A 211 -13.06 1.24 -6.14
CA GLY A 211 -12.30 1.53 -7.33
C GLY A 211 -13.06 2.25 -8.43
N VAL A 212 -14.28 2.68 -8.13
CA VAL A 212 -15.14 3.35 -9.10
C VAL A 212 -15.62 4.66 -8.48
N PRO A 213 -15.89 5.70 -9.27
CA PRO A 213 -16.37 6.96 -8.67
C PRO A 213 -17.70 6.77 -7.99
N ASN A 214 -17.77 7.19 -6.72
CA ASN A 214 -19.02 7.34 -5.99
C ASN A 214 -19.47 8.78 -6.09
N PHE A 215 -20.53 9.04 -6.86
CA PHE A 215 -20.95 10.41 -7.03
C PHE A 215 -21.37 11.08 -5.72
N ALA A 216 -21.75 10.31 -4.69
CA ALA A 216 -22.01 10.90 -3.40
C ALA A 216 -20.78 11.60 -2.81
N ASP A 217 -19.60 11.19 -3.20
CA ASP A 217 -18.38 11.87 -2.73
C ASP A 217 -18.22 13.26 -3.31
N TYR A 218 -18.88 13.54 -4.43
CA TYR A 218 -18.61 14.76 -5.19
C TYR A 218 -19.80 15.69 -5.20
N PHE A 219 -20.98 15.21 -4.81
CA PHE A 219 -22.20 16.01 -4.85
C PHE A 219 -22.90 15.81 -3.51
N PRO A 220 -22.74 16.75 -2.57
CA PRO A 220 -23.23 16.49 -1.21
C PRO A 220 -24.69 16.15 -1.12
N ILE A 221 -25.53 16.64 -2.03
CA ILE A 221 -26.96 16.33 -1.96
C ILE A 221 -27.23 14.84 -2.12
N LEU A 222 -26.31 14.10 -2.74
CA LEU A 222 -26.50 12.67 -2.92
C LEU A 222 -26.04 11.83 -1.73
N ARG A 223 -25.29 12.34 -0.76
CA ARG A 223 -24.83 11.46 0.34
C ARG A 223 -25.89 10.71 1.13
N PRO A 224 -26.95 11.43 1.52
CA PRO A 224 -27.97 10.68 2.25
C PRO A 224 -28.56 9.54 1.44
N PHE A 225 -28.48 9.62 0.11
CA PHE A 225 -29.14 8.66 -0.77
C PHE A 225 -28.30 7.43 -1.06
N ASP A 226 -26.95 7.51 -1.00
CA ASP A 226 -26.05 6.42 -1.38
C ASP A 226 -26.54 5.85 -2.72
N PRO A 227 -26.64 6.69 -3.76
CA PRO A 227 -27.39 6.26 -4.96
C PRO A 227 -26.79 5.11 -5.71
N GLN A 228 -25.50 4.80 -5.53
CA GLN A 228 -24.89 3.67 -6.17
C GLN A 228 -24.73 2.49 -5.22
N GLY A 229 -25.23 2.60 -4.02
CA GLY A 229 -25.14 1.50 -3.08
C GLY A 229 -23.75 1.19 -2.62
N VAL A 230 -22.82 2.15 -2.78
CA VAL A 230 -21.42 1.89 -2.43
C VAL A 230 -21.29 1.60 -0.94
N LYS A 231 -21.91 2.42 -0.10
CA LYS A 231 -21.75 2.19 1.33
C LYS A 231 -22.44 0.90 1.76
N ARG A 232 -23.62 0.59 1.24
CA ARG A 232 -24.27 -0.68 1.51
C ARG A 232 -23.39 -1.86 1.11
N ARG A 233 -22.84 -1.84 -0.12
CA ARG A 233 -22.02 -2.94 -0.59
C ARG A 233 -20.73 -3.06 0.21
N ALA A 234 -20.16 -1.92 0.62
CA ALA A 234 -18.98 -1.94 1.48
C ALA A 234 -19.28 -2.55 2.85
N ASP A 235 -20.46 -2.26 3.41
CA ASP A 235 -20.86 -2.86 4.69
C ASP A 235 -20.72 -4.38 4.65
N VAL A 236 -21.17 -5.01 3.54
CA VAL A 236 -21.14 -6.47 3.53
C VAL A 236 -19.70 -6.96 3.60
N PHE A 237 -18.78 -6.34 2.87
CA PHE A 237 -17.39 -6.79 2.86
C PHE A 237 -16.67 -6.43 4.16
N PHE A 238 -16.83 -5.19 4.65
CA PHE A 238 -16.24 -4.83 5.93
C PHE A 238 -16.73 -5.77 7.03
N GLY A 239 -18.02 -6.08 7.02
CA GLY A 239 -18.58 -6.95 8.04
C GLY A 239 -18.02 -8.35 7.98
N LYS A 240 -17.84 -8.87 6.77
CA LYS A 240 -17.20 -10.17 6.59
C LYS A 240 -15.82 -10.17 7.23
N LEU A 241 -15.06 -9.10 6.95
CA LEU A 241 -13.68 -9.06 7.44
C LEU A 241 -13.65 -8.87 8.95
N LEU A 242 -14.47 -7.95 9.49
CA LEU A 242 -14.51 -7.78 10.94
C LEU A 242 -14.98 -9.06 11.66
N ALA A 243 -15.91 -9.80 11.05
CA ALA A 243 -16.37 -11.04 11.65
C ALA A 243 -15.22 -12.03 11.80
N LYS A 244 -14.42 -12.17 10.74
CA LYS A 244 -13.25 -13.03 10.82
C LYS A 244 -12.28 -12.55 11.89
N ILE A 245 -12.00 -11.25 11.93
CA ILE A 245 -11.05 -10.71 12.91
C ILE A 245 -11.58 -10.89 14.33
N GLU A 246 -12.86 -10.57 14.54
CA GLU A 246 -13.43 -10.78 15.88
C GLU A 246 -13.38 -12.25 16.29
N GLY A 247 -13.56 -13.16 15.34
CA GLY A 247 -13.43 -14.57 15.64
C GLY A 247 -12.02 -14.94 16.06
N TYR A 248 -11.04 -14.46 15.31
CA TYR A 248 -9.64 -14.72 15.68
C TYR A 248 -9.32 -14.18 17.06
N LEU A 249 -9.78 -12.95 17.37
CA LEU A 249 -9.51 -12.37 18.67
C LEU A 249 -10.14 -13.20 19.78
N ASN A 250 -11.42 -13.56 19.62
CA ASN A 250 -12.09 -14.33 20.67
C ASN A 250 -11.44 -15.69 20.88
N GLU A 251 -11.06 -16.36 19.80
CA GLU A 251 -10.36 -17.63 19.89
C GLU A 251 -9.03 -17.49 20.62
N ARG A 252 -8.25 -16.46 20.29
CA ARG A 252 -6.99 -16.21 21.01
C ARG A 252 -7.24 -15.95 22.48
N LEU A 253 -8.27 -15.15 22.82
CA LEU A 253 -8.54 -14.88 24.22
C LEU A 253 -8.86 -16.18 24.98
N GLU A 254 -9.65 -17.04 24.38
CA GLU A 254 -10.02 -18.30 25.03
C GLU A 254 -8.83 -19.24 25.13
N SER A 255 -8.03 -19.34 24.08
CA SER A 255 -6.91 -20.26 24.17
C SER A 255 -5.89 -19.77 25.18
N LYS A 256 -5.73 -18.47 25.34
CA LYS A 256 -4.83 -17.96 26.35
C LYS A 256 -5.36 -18.26 27.76
N ARG A 257 -6.65 -18.11 27.95
CA ARG A 257 -7.26 -18.43 29.24
C ARG A 257 -7.10 -19.91 29.56
N ALA A 258 -7.31 -20.78 28.58
CA ALA A 258 -7.27 -22.22 28.82
C ALA A 258 -5.86 -22.80 28.89
N ASN A 259 -4.86 -22.11 28.34
CA ASN A 259 -3.48 -22.58 28.24
C ASN A 259 -2.55 -21.53 28.78
N PRO A 260 -2.62 -21.24 30.08
CA PRO A 260 -1.78 -20.18 30.67
C PRO A 260 -0.28 -20.42 30.53
N ASN A 261 0.17 -21.66 30.35
CA ASN A 261 1.59 -22.02 30.30
C ASN A 261 2.11 -22.18 28.88
N ALA A 262 1.28 -21.96 27.85
CA ALA A 262 1.73 -22.17 26.52
C ALA A 262 2.67 -21.02 26.11
N PRO A 263 3.58 -21.26 25.18
CA PRO A 263 4.44 -20.17 24.69
C PRO A 263 3.61 -19.05 24.04
N LYS A 264 4.09 -17.83 24.21
CA LYS A 264 3.41 -16.67 23.61
C LYS A 264 3.66 -16.62 22.11
N LYS A 265 2.59 -16.42 21.34
CA LYS A 265 2.69 -16.32 19.91
C LYS A 265 3.31 -14.95 19.55
N ASP A 266 3.95 -14.91 18.38
CA ASP A 266 4.71 -13.73 17.95
C ASP A 266 3.95 -12.87 16.94
N ASP A 267 2.62 -12.83 17.04
CA ASP A 267 1.82 -12.06 16.08
C ASP A 267 1.20 -10.80 16.66
N PHE A 268 0.51 -10.02 15.81
CA PHE A 268 -0.11 -8.81 16.29
C PHE A 268 -1.30 -9.08 17.20
N LEU A 269 -2.00 -10.19 16.97
CA LEU A 269 -3.15 -10.53 17.80
C LEU A 269 -2.75 -10.70 19.25
N GLU A 270 -1.58 -11.31 19.49
CA GLU A 270 -1.08 -11.44 20.85
C GLU A 270 -0.87 -10.08 21.48
N ILE A 271 -0.35 -9.13 20.72
CA ILE A 271 -0.15 -7.79 21.25
C ILE A 271 -1.49 -7.15 21.58
N VAL A 272 -2.48 -7.31 20.69
CA VAL A 272 -3.82 -6.78 20.92
C VAL A 272 -4.34 -7.27 22.27
N VAL A 273 -4.25 -8.57 22.45
CA VAL A 273 -4.79 -9.14 23.67
C VAL A 273 -4.12 -8.60 24.93
N ASP A 274 -2.82 -8.52 24.91
CA ASP A 274 -2.11 -8.03 26.09
C ASP A 274 -2.49 -6.59 26.37
N ILE A 275 -2.54 -5.73 25.34
CA ILE A 275 -2.90 -4.35 25.56
C ILE A 275 -4.31 -4.24 26.13
N ILE A 276 -5.25 -5.02 25.60
CA ILE A 276 -6.62 -4.96 26.12
C ILE A 276 -6.65 -5.34 27.59
N GLN A 277 -6.00 -6.45 27.93
CA GLN A 277 -6.06 -6.95 29.31
C GLN A 277 -5.20 -6.13 30.28
N ALA A 278 -4.28 -5.32 29.79
CA ALA A 278 -3.57 -4.41 30.68
C ALA A 278 -4.34 -3.10 30.89
N ASN A 279 -5.29 -2.79 30.01
CA ASN A 279 -6.26 -1.70 30.21
C ASN A 279 -5.59 -0.35 30.44
N GLU A 280 -4.46 -0.12 29.77
CA GLU A 280 -3.80 1.17 29.92
C GLU A 280 -4.28 2.23 28.94
N PHE A 281 -4.96 1.85 27.87
CA PHE A 281 -5.41 2.80 26.85
C PHE A 281 -6.91 3.01 26.92
N LYS A 282 -7.32 4.27 26.74
CA LYS A 282 -8.74 4.57 26.58
C LYS A 282 -9.13 4.24 25.13
N LEU A 283 -9.26 2.94 24.90
CA LEU A 283 -9.66 2.37 23.63
C LEU A 283 -10.57 1.19 23.86
N LYS A 284 -11.62 1.06 23.05
CA LYS A 284 -12.58 -0.04 23.12
C LYS A 284 -12.10 -1.21 22.28
N THR A 285 -12.82 -2.32 22.38
CA THR A 285 -12.46 -3.48 21.58
C THR A 285 -12.55 -3.17 20.08
N HIS A 286 -13.58 -2.45 19.66
CA HIS A 286 -13.73 -2.22 18.22
C HIS A 286 -12.60 -1.36 17.66
N HIS A 287 -11.91 -0.59 18.50
CA HIS A 287 -10.73 0.11 18.00
C HIS A 287 -9.68 -0.87 17.52
N PHE A 288 -9.52 -1.96 18.26
CA PHE A 288 -8.53 -2.97 17.92
C PHE A 288 -8.92 -3.81 16.73
N THR A 289 -10.17 -4.22 16.66
CA THR A 289 -10.58 -5.02 15.53
C THR A 289 -10.53 -4.19 14.24
N HIS A 290 -10.93 -2.95 14.33
CA HIS A 290 -10.89 -2.05 13.16
C HIS A 290 -9.46 -1.69 12.79
N LEU A 291 -8.56 -1.61 13.78
CA LEU A 291 -7.13 -1.41 13.49
C LEU A 291 -6.57 -2.62 12.74
N MET A 292 -6.90 -3.83 13.18
CA MET A 292 -6.45 -5.00 12.44
C MET A 292 -7.00 -5.01 11.04
N LEU A 293 -8.25 -4.58 10.88
CA LEU A 293 -8.83 -4.49 9.57
C LEU A 293 -8.00 -3.54 8.70
N ASP A 294 -7.71 -2.37 9.27
CA ASP A 294 -6.94 -1.35 8.57
C ASP A 294 -5.56 -1.86 8.17
N LEU A 295 -4.90 -2.59 9.06
CA LEU A 295 -3.60 -3.10 8.74
C LEU A 295 -3.67 -4.17 7.68
N PHE A 296 -4.62 -5.08 7.77
CA PHE A 296 -4.72 -6.16 6.81
C PHE A 296 -5.03 -5.65 5.41
N VAL A 297 -6.03 -4.79 5.27
CA VAL A 297 -6.33 -4.22 3.97
C VAL A 297 -5.17 -3.32 3.56
N GLY A 298 -4.57 -2.63 4.52
CA GLY A 298 -3.46 -1.73 4.23
C GLY A 298 -2.31 -2.34 3.47
N GLY A 299 -1.93 -3.56 3.84
CA GLY A 299 -0.83 -4.23 3.21
C GLY A 299 -1.19 -5.14 2.08
N SER A 300 -2.47 -5.27 1.72
CA SER A 300 -2.71 -6.30 0.72
C SER A 300 -2.63 -5.81 -0.72
N ASP A 301 -3.42 -4.85 -1.19
CA ASP A 301 -3.29 -4.46 -2.59
C ASP A 301 -1.97 -3.77 -2.86
N THR A 302 -1.51 -3.00 -1.88
CA THR A 302 -0.25 -2.28 -1.99
C THR A 302 0.98 -3.17 -2.28
N ASN A 303 1.11 -4.29 -1.57
CA ASN A 303 2.25 -5.13 -1.78
C ASN A 303 2.00 -6.00 -3.00
N THR A 304 0.74 -6.38 -3.22
CA THR A 304 0.45 -7.23 -4.37
C THR A 304 0.83 -6.56 -5.67
N THR A 305 0.41 -5.30 -5.85
CA THR A 305 0.71 -4.64 -7.10
C THR A 305 2.18 -4.31 -7.21
N SER A 306 2.82 -3.97 -6.09
CA SER A 306 4.23 -3.62 -6.06
C SER A 306 5.13 -4.80 -6.44
N ILE A 307 4.81 -5.97 -5.91
CA ILE A 307 5.54 -7.20 -6.26
C ILE A 307 5.41 -7.46 -7.74
N GLU A 308 4.19 -7.35 -8.27
CA GLU A 308 4.00 -7.52 -9.72
C GLU A 308 4.81 -6.52 -10.54
N TRP A 309 4.82 -5.24 -10.14
CA TRP A 309 5.58 -4.26 -10.90
C TRP A 309 7.08 -4.55 -10.81
N ALA A 310 7.52 -5.01 -9.67
CA ALA A 310 8.95 -5.32 -9.49
C ALA A 310 9.37 -6.40 -10.47
N MET A 311 8.59 -7.47 -10.53
CA MET A 311 8.90 -8.56 -11.46
C MET A 311 8.79 -8.09 -12.89
N SER A 312 7.79 -7.27 -13.16
CA SER A 312 7.64 -6.81 -14.53
C SER A 312 8.82 -5.96 -14.89
N GLU A 313 9.26 -5.01 -14.09
CA GLU A 313 10.42 -4.20 -14.45
C GLU A 313 11.66 -5.07 -14.66
N LEU A 314 11.86 -6.07 -13.82
CA LEU A 314 13.07 -6.88 -13.92
C LEU A 314 13.03 -7.72 -15.19
N VAL A 315 11.88 -8.27 -15.53
CA VAL A 315 11.78 -9.10 -16.75
C VAL A 315 11.99 -8.24 -17.99
N MET A 316 11.52 -6.99 -17.98
CA MET A 316 11.70 -6.09 -19.11
C MET A 316 13.08 -5.44 -19.18
N ASN A 317 13.90 -5.56 -18.14
CA ASN A 317 15.23 -4.97 -18.07
C ASN A 317 16.20 -6.07 -17.67
N PRO A 318 16.55 -6.94 -18.61
CA PRO A 318 17.30 -8.16 -18.25
C PRO A 318 18.64 -7.89 -17.62
N ASP A 319 19.28 -6.77 -17.96
CA ASP A 319 20.52 -6.39 -17.31
C ASP A 319 20.33 -6.20 -15.82
N LYS A 320 19.20 -5.58 -15.43
CA LYS A 320 18.91 -5.37 -14.00
C LYS A 320 18.56 -6.68 -13.31
N MET A 321 17.79 -7.56 -13.97
CA MET A 321 17.56 -8.90 -13.45
C MET A 321 18.87 -9.63 -13.20
N ALA A 322 19.83 -9.52 -14.12
CA ALA A 322 21.13 -10.20 -13.95
C ALA A 322 21.90 -9.65 -12.75
N ARG A 323 21.89 -8.34 -12.58
CA ARG A 323 22.60 -7.71 -11.46
C ARG A 323 22.01 -8.13 -10.11
N LEU A 324 20.70 -8.19 -10.01
CA LEU A 324 20.08 -8.63 -8.77
C LEU A 324 20.33 -10.10 -8.53
N LYS A 325 20.29 -10.91 -9.57
CA LYS A 325 20.57 -12.33 -9.39
C LYS A 325 22.00 -12.52 -8.89
N ALA A 326 22.93 -11.77 -9.45
CA ALA A 326 24.33 -11.88 -9.03
C ALA A 326 24.52 -11.51 -7.57
N GLU A 327 23.86 -10.44 -7.11
CA GLU A 327 23.93 -10.10 -5.69
C GLU A 327 23.37 -11.21 -4.82
N LEU A 328 22.20 -11.75 -5.17
CA LEU A 328 21.58 -12.77 -4.34
C LEU A 328 22.43 -14.03 -4.31
N LYS A 329 23.01 -14.36 -5.44
CA LYS A 329 23.89 -15.55 -5.50
C LYS A 329 25.08 -15.36 -4.55
N SER A 330 25.66 -14.17 -4.55
CA SER A 330 26.83 -13.86 -3.76
C SER A 330 26.54 -13.94 -2.27
N VAL A 331 25.33 -13.57 -1.85
CA VAL A 331 25.00 -13.45 -0.44
C VAL A 331 24.31 -14.71 0.06
N ALA A 332 23.34 -15.21 -0.66
CA ALA A 332 22.59 -16.38 -0.23
C ALA A 332 23.18 -17.68 -0.77
N GLY A 333 23.87 -17.60 -1.91
CA GLY A 333 24.36 -18.78 -2.59
C GLY A 333 23.31 -19.82 -2.86
N ASP A 334 23.47 -20.98 -2.24
CA ASP A 334 22.57 -22.10 -2.48
C ASP A 334 21.35 -22.11 -1.56
N GLU A 335 21.35 -21.32 -0.48
CA GLU A 335 20.13 -21.13 0.29
C GLU A 335 19.04 -20.62 -0.63
N LYS A 336 17.83 -21.12 -0.43
CA LYS A 336 16.67 -20.79 -1.27
C LYS A 336 15.86 -19.62 -0.75
N ILE A 337 15.78 -19.47 0.58
CA ILE A 337 15.00 -18.44 1.25
C ILE A 337 15.96 -17.52 1.98
N VAL A 338 16.05 -16.26 1.56
CA VAL A 338 16.88 -15.29 2.24
C VAL A 338 16.29 -14.95 3.61
N ASP A 339 17.15 -14.78 4.60
CA ASP A 339 16.63 -14.26 5.86
C ASP A 339 16.41 -12.74 5.75
N GLU A 340 15.27 -12.32 6.32
CA GLU A 340 15.00 -10.90 6.36
C GLU A 340 16.13 -10.13 7.01
N SER A 341 16.80 -10.74 7.98
CA SER A 341 17.92 -10.17 8.70
C SER A 341 19.07 -9.81 7.77
N ALA A 342 19.14 -10.47 6.63
CA ALA A 342 20.18 -10.23 5.65
C ALA A 342 19.99 -8.97 4.84
N MET A 343 18.89 -8.23 5.03
CA MET A 343 18.60 -7.12 4.12
C MET A 343 19.74 -6.12 4.05
N PRO A 344 20.44 -5.78 5.15
CA PRO A 344 21.59 -4.86 5.05
C PRO A 344 22.67 -5.31 4.07
N LYS A 345 22.77 -6.61 3.80
CA LYS A 345 23.79 -7.15 2.91
C LYS A 345 23.36 -7.14 1.46
N LEU A 346 22.14 -6.62 1.16
CA LEU A 346 21.55 -6.68 -0.18
C LEU A 346 21.16 -5.29 -0.66
N PRO A 347 22.17 -4.43 -0.91
CA PRO A 347 21.87 -3.06 -1.33
C PRO A 347 21.20 -2.97 -2.69
N TYR A 348 21.49 -3.89 -3.62
CA TYR A 348 20.85 -3.79 -4.93
C TYR A 348 19.37 -4.17 -4.88
N LEU A 349 19.04 -5.19 -4.07
CA LEU A 349 17.63 -5.50 -3.81
C LEU A 349 16.91 -4.29 -3.21
N GLN A 350 17.55 -3.62 -2.27
CA GLN A 350 16.92 -2.41 -1.71
C GLN A 350 16.76 -1.34 -2.78
N ALA A 351 17.78 -1.16 -3.63
CA ALA A 351 17.69 -0.15 -4.68
C ALA A 351 16.59 -0.49 -5.69
N VAL A 352 16.46 -1.79 -6.02
CA VAL A 352 15.39 -2.22 -6.94
C VAL A 352 14.02 -1.82 -6.38
N ILE A 353 13.80 -2.08 -5.11
CA ILE A 353 12.48 -1.77 -4.53
C ILE A 353 12.27 -0.26 -4.40
N LYS A 354 13.33 0.49 -4.11
CA LYS A 354 13.18 1.95 -4.12
C LYS A 354 12.79 2.42 -5.51
N GLU A 355 13.39 1.83 -6.57
CA GLU A 355 13.12 2.29 -7.91
C GLU A 355 11.73 1.89 -8.36
N VAL A 356 11.24 0.70 -7.95
CA VAL A 356 9.83 0.37 -8.21
C VAL A 356 8.90 1.38 -7.52
N MET A 357 9.21 1.75 -6.29
CA MET A 357 8.39 2.71 -5.52
C MET A 357 8.42 4.08 -6.17
N ARG A 358 9.56 4.44 -6.84
CA ARG A 358 9.63 5.75 -7.47
C ARG A 358 8.71 5.84 -8.67
N ILE A 359 8.74 4.81 -9.51
CA ILE A 359 8.02 4.76 -10.78
C ILE A 359 6.58 4.30 -10.57
N HIS A 360 6.37 3.37 -9.64
CA HIS A 360 5.07 2.72 -9.45
C HIS A 360 4.62 2.81 -8.01
N PRO A 361 4.48 4.01 -7.44
CA PRO A 361 3.83 4.10 -6.16
C PRO A 361 2.42 3.50 -6.25
N PRO A 362 2.09 2.55 -5.38
CA PRO A 362 0.80 1.84 -5.55
C PRO A 362 -0.38 2.78 -5.48
N GLY A 363 -0.38 3.69 -4.50
CA GLY A 363 -1.30 4.79 -4.50
C GLY A 363 -0.61 6.03 -5.05
N PRO A 364 -0.84 6.36 -6.31
CA PRO A 364 -0.08 7.47 -6.94
C PRO A 364 -0.43 8.80 -6.32
N LEU A 365 -1.61 8.93 -5.76
CA LEU A 365 -2.04 10.16 -5.10
C LEU A 365 -2.08 9.99 -3.58
N LEU A 366 -1.39 8.96 -3.10
CA LEU A 366 -1.29 8.59 -1.71
C LEU A 366 -2.72 8.37 -1.15
N LEU A 367 -2.95 8.80 0.09
CA LEU A 367 -4.27 8.82 0.70
C LEU A 367 -4.54 10.29 0.96
N PRO A 368 -5.79 10.74 0.77
CA PRO A 368 -5.96 12.17 0.90
C PRO A 368 -5.72 12.78 2.28
N ARG A 369 -5.22 14.00 2.31
CA ARG A 369 -5.18 14.82 3.50
C ARG A 369 -6.29 15.84 3.39
N LYS A 370 -6.43 16.62 4.45
CA LYS A 370 -7.49 17.61 4.54
C LYS A 370 -6.98 18.76 5.38
N ALA A 371 -7.29 19.98 4.96
CA ALA A 371 -6.94 21.19 5.70
C ALA A 371 -7.87 21.31 6.91
N GLU A 372 -7.30 21.38 8.10
CA GLU A 372 -8.11 21.52 9.31
C GLU A 372 -8.46 22.98 9.60
N SER A 373 -7.84 23.92 8.91
CA SER A 373 -8.11 25.34 9.02
C SER A 373 -7.62 26.01 7.74
N ASP A 374 -8.11 27.24 7.50
CA ASP A 374 -7.56 28.04 6.41
C ASP A 374 -6.06 28.16 6.57
N GLN A 375 -5.33 28.10 5.46
CA GLN A 375 -3.87 28.22 5.54
C GLN A 375 -3.31 28.78 4.26
N GLU A 376 -2.42 29.74 4.35
CA GLU A 376 -1.74 30.27 3.17
C GLU A 376 -0.50 29.45 2.84
N VAL A 377 -0.32 29.13 1.57
CA VAL A 377 0.83 28.37 1.09
C VAL A 377 1.25 28.97 -0.23
N ASN A 378 2.50 29.42 -0.32
CA ASN A 378 3.04 30.03 -1.51
C ASN A 378 2.14 31.13 -2.05
N GLY A 379 1.62 31.95 -1.16
CA GLY A 379 0.78 33.08 -1.52
C GLY A 379 -0.64 32.72 -1.88
N TYR A 380 -1.04 31.45 -1.75
CA TYR A 380 -2.41 31.02 -2.10
C TYR A 380 -3.16 30.61 -0.84
N LEU A 381 -4.44 30.94 -0.79
CA LEU A 381 -5.29 30.53 0.30
C LEU A 381 -5.74 29.09 0.05
N ILE A 382 -5.48 28.22 1.01
CA ILE A 382 -6.04 26.88 1.01
C ILE A 382 -7.14 26.83 2.08
N PRO A 383 -8.41 26.84 1.72
CA PRO A 383 -9.47 26.94 2.72
C PRO A 383 -9.61 25.68 3.56
N LYS A 384 -10.06 25.88 4.78
CA LYS A 384 -10.47 24.76 5.64
C LYS A 384 -11.37 23.80 4.88
N GLY A 385 -11.09 22.50 5.05
CA GLY A 385 -11.84 21.46 4.40
C GLY A 385 -11.38 21.04 3.02
N THR A 386 -10.42 21.76 2.45
CA THR A 386 -9.88 21.40 1.15
C THR A 386 -9.30 20.00 1.22
N GLN A 387 -9.65 19.17 0.21
CA GLN A 387 -8.96 17.89 0.06
C GLN A 387 -7.58 18.13 -0.53
N ILE A 388 -6.55 17.54 0.08
CA ILE A 388 -5.15 17.65 -0.39
C ILE A 388 -4.74 16.31 -0.97
N LEU A 389 -4.30 16.28 -2.24
CA LEU A 389 -3.76 15.05 -2.83
C LEU A 389 -2.31 15.29 -3.19
N ILE A 390 -1.42 14.47 -2.64
CA ILE A 390 0.00 14.51 -2.98
C ILE A 390 0.21 13.64 -4.21
N ASN A 391 0.61 14.23 -5.33
CA ASN A 391 0.83 13.40 -6.50
C ASN A 391 2.26 12.88 -6.48
N ALA A 392 2.45 11.83 -5.65
CA ALA A 392 3.76 11.17 -5.52
C ALA A 392 4.22 10.62 -6.87
N TYR A 393 3.27 10.15 -7.67
CA TYR A 393 3.58 9.63 -8.99
C TYR A 393 4.20 10.70 -9.87
N ALA A 394 3.59 11.89 -9.91
CA ALA A 394 4.14 12.98 -10.72
C ALA A 394 5.56 13.33 -10.26
N ILE A 395 5.73 13.46 -8.95
CA ILE A 395 7.03 13.83 -8.37
C ILE A 395 8.09 12.79 -8.73
N GLY A 396 7.71 11.51 -8.68
CA GLY A 396 8.67 10.46 -8.97
C GLY A 396 9.07 10.38 -10.40
N ARG A 397 8.26 10.91 -11.31
CA ARG A 397 8.57 10.88 -12.74
C ARG A 397 8.95 12.25 -13.30
N ASP A 398 9.15 13.26 -12.46
CA ASP A 398 9.37 14.64 -12.92
C ASP A 398 10.80 14.78 -13.42
N PRO A 399 11.00 15.07 -14.71
CA PRO A 399 12.36 15.19 -15.25
C PRO A 399 13.23 16.29 -14.62
N SER A 400 12.63 17.26 -14.00
CA SER A 400 13.40 18.29 -13.36
C SER A 400 13.99 17.75 -12.07
N ILE A 401 13.58 16.57 -11.66
CA ILE A 401 14.05 16.01 -10.44
C ILE A 401 14.90 14.77 -10.62
N TRP A 402 14.45 13.87 -11.46
CA TRP A 402 15.09 12.59 -11.70
C TRP A 402 15.61 12.55 -13.13
N THR A 403 16.89 12.23 -13.29
CA THR A 403 17.46 11.95 -14.60
C THR A 403 16.80 10.74 -15.24
N ASP A 404 16.48 10.83 -16.53
CA ASP A 404 15.85 9.74 -17.26
C ASP A 404 14.70 9.13 -16.44
N PRO A 405 13.74 9.95 -16.05
CA PRO A 405 12.69 9.48 -15.16
C PRO A 405 11.85 8.30 -15.57
N GLU A 406 11.72 8.05 -16.86
CA GLU A 406 10.93 6.92 -17.32
C GLU A 406 11.75 5.65 -17.44
N THR A 407 13.05 5.71 -17.16
CA THR A 407 13.83 4.49 -17.22
C THR A 407 13.96 3.85 -15.84
N PHE A 408 13.89 2.52 -15.86
CA PHE A 408 14.10 1.71 -14.66
C PHE A 408 15.60 1.58 -14.46
N ASP A 409 16.11 2.24 -13.43
CA ASP A 409 17.54 2.32 -13.17
C ASP A 409 17.81 2.27 -11.67
N PRO A 410 17.81 1.06 -11.09
CA PRO A 410 18.03 0.94 -9.64
C PRO A 410 19.35 1.52 -9.20
N GLU A 411 20.34 1.52 -10.10
CA GLU A 411 21.66 2.02 -9.74
C GLU A 411 21.60 3.46 -9.29
N ARG A 412 20.57 4.21 -9.67
CA ARG A 412 20.48 5.58 -9.22
C ARG A 412 20.41 5.69 -7.71
N PHE A 413 19.99 4.62 -7.01
CA PHE A 413 19.91 4.64 -5.57
C PHE A 413 21.11 4.05 -4.85
N LEU A 414 22.08 3.48 -5.58
CA LEU A 414 23.26 2.91 -4.92
C LEU A 414 24.12 4.03 -4.36
N ASP A 415 24.58 3.84 -3.12
CA ASP A 415 25.31 4.85 -2.34
C ASP A 415 24.61 6.19 -2.40
N ASN A 416 23.27 6.13 -2.46
CA ASN A 416 22.39 7.29 -2.47
C ASN A 416 21.65 7.32 -1.13
N LYS A 417 21.69 8.45 -0.45
CA LYS A 417 21.01 8.33 0.83
C LYS A 417 19.51 8.61 0.71
N ILE A 418 19.00 8.94 -0.50
CA ILE A 418 17.55 9.13 -0.66
C ILE A 418 16.82 7.83 -0.34
N ASP A 419 15.80 7.91 0.52
CA ASP A 419 15.01 6.78 0.97
C ASP A 419 13.54 7.17 0.89
N PHE A 420 12.65 6.20 1.15
CA PHE A 420 11.22 6.47 1.07
C PHE A 420 10.56 6.58 2.42
N LYS A 421 11.32 6.93 3.47
CA LYS A 421 10.80 6.98 4.83
C LYS A 421 9.97 8.22 5.11
N GLY A 422 9.99 9.19 4.23
CA GLY A 422 9.27 10.44 4.40
C GLY A 422 10.15 11.67 4.54
N GLN A 423 11.49 11.49 4.66
CA GLN A 423 12.40 12.63 4.80
C GLN A 423 12.94 13.13 3.47
N ASP A 424 12.69 12.43 2.37
CA ASP A 424 13.12 12.86 1.04
C ASP A 424 11.89 13.12 0.19
N TYR A 425 11.61 14.39 -0.10
CA TYR A 425 10.32 14.77 -0.68
C TYR A 425 10.30 14.52 -2.19
N GLU A 426 11.39 14.02 -2.74
CA GLU A 426 11.38 13.47 -4.10
C GLU A 426 10.81 12.08 -4.19
N LEU A 427 10.72 11.33 -3.07
CA LEU A 427 10.32 9.92 -3.08
C LEU A 427 9.37 9.68 -1.92
N LEU A 428 8.05 9.75 -2.19
CA LEU A 428 7.06 9.76 -1.11
C LEU A 428 6.00 8.67 -1.26
N PRO A 429 6.40 7.44 -1.57
CA PRO A 429 5.39 6.40 -1.79
C PRO A 429 4.60 6.05 -0.54
N PHE A 430 5.19 6.28 0.63
CA PHE A 430 4.55 6.01 1.90
C PHE A 430 4.05 7.30 2.58
N GLY A 431 4.00 8.41 1.85
CA GLY A 431 3.62 9.64 2.52
C GLY A 431 4.76 10.21 3.38
N SER A 432 4.37 11.11 4.23
CA SER A 432 5.35 11.75 5.13
C SER A 432 4.59 12.57 6.13
N GLY A 433 5.28 12.96 7.20
CA GLY A 433 4.64 13.84 8.17
C GLY A 433 3.76 13.05 9.13
N ARG A 434 2.72 13.71 9.65
CA ARG A 434 1.91 13.11 10.68
C ARG A 434 1.33 11.73 10.43
N ARG A 435 0.83 11.52 9.23
CA ARG A 435 0.17 10.29 8.95
C ARG A 435 0.96 9.35 8.07
N VAL A 436 2.30 9.45 8.07
CA VAL A 436 3.14 8.57 7.24
C VAL A 436 2.83 7.12 7.53
N CYS A 437 2.91 6.30 6.47
CA CYS A 437 2.44 4.93 6.61
C CYS A 437 3.06 4.20 7.79
N PRO A 438 2.26 3.71 8.73
CA PRO A 438 2.86 3.03 9.91
C PRO A 438 3.24 1.60 9.64
N GLY A 439 2.82 1.06 8.51
CA GLY A 439 3.14 -0.31 8.19
C GLY A 439 4.38 -0.52 7.32
N MET A 440 5.14 0.55 7.12
CA MET A 440 6.33 0.51 6.31
C MET A 440 7.30 -0.60 6.68
N PRO A 441 7.53 -0.81 7.99
CA PRO A 441 8.48 -1.87 8.35
C PRO A 441 8.08 -3.23 7.84
N LEU A 442 6.80 -3.55 7.88
CA LEU A 442 6.33 -4.82 7.38
C LEU A 442 6.28 -4.85 5.86
N ALA A 443 5.86 -3.74 5.25
CA ALA A 443 5.74 -3.70 3.82
C ALA A 443 7.09 -3.96 3.16
N THR A 444 8.16 -3.37 3.68
CA THR A 444 9.44 -3.56 3.03
C THR A 444 9.90 -5.01 3.15
N ARG A 445 9.65 -5.64 4.30
CA ARG A 445 10.01 -7.05 4.46
C ARG A 445 9.26 -7.91 3.44
N ILE A 446 7.97 -7.61 3.23
CA ILE A 446 7.20 -8.38 2.25
C ILE A 446 7.73 -8.15 0.85
N LEU A 447 7.91 -6.89 0.48
CA LEU A 447 8.34 -6.59 -0.87
C LEU A 447 9.70 -7.22 -1.17
N HIS A 448 10.66 -7.01 -0.28
CA HIS A 448 12.02 -7.50 -0.49
C HIS A 448 12.06 -9.01 -0.57
N MET A 449 11.38 -9.67 0.37
CA MET A 449 11.49 -11.12 0.42
C MET A 449 10.71 -11.81 -0.70
N ALA A 450 9.51 -11.30 -1.06
CA ALA A 450 8.79 -11.95 -2.13
C ALA A 450 9.56 -11.84 -3.43
N THR A 451 10.14 -10.64 -3.68
CA THR A 451 10.95 -10.43 -4.86
C THR A 451 12.18 -11.31 -4.81
N ALA A 452 12.88 -11.35 -3.67
CA ALA A 452 14.11 -12.15 -3.61
C ALA A 452 13.81 -13.63 -3.86
N THR A 453 12.72 -14.13 -3.30
CA THR A 453 12.39 -15.55 -3.45
C THR A 453 12.17 -15.91 -4.90
N LEU A 454 11.41 -15.06 -5.63
CA LEU A 454 11.12 -15.34 -7.02
C LEU A 454 12.35 -15.20 -7.90
N VAL A 455 13.17 -14.17 -7.67
CA VAL A 455 14.30 -13.89 -8.54
C VAL A 455 15.42 -14.89 -8.31
N HIS A 456 15.65 -15.25 -7.06
CA HIS A 456 16.82 -16.06 -6.73
C HIS A 456 16.66 -17.48 -7.24
N ASN A 457 15.44 -18.00 -7.26
CA ASN A 457 15.24 -19.45 -7.43
C ASN A 457 14.87 -19.86 -8.84
N PHE A 458 14.53 -18.92 -9.72
CA PHE A 458 14.12 -19.24 -11.08
C PHE A 458 14.60 -18.16 -12.04
N ASP A 459 14.86 -18.55 -13.28
CA ASP A 459 14.92 -17.59 -14.37
C ASP A 459 13.52 -17.49 -14.97
N TRP A 460 13.27 -16.40 -15.70
CA TRP A 460 11.92 -16.09 -16.15
C TRP A 460 11.93 -15.58 -17.58
N LYS A 461 10.92 -16.01 -18.35
CA LYS A 461 10.61 -15.54 -19.69
C LYS A 461 9.15 -15.15 -19.77
N LEU A 462 8.81 -14.13 -20.54
CA LEU A 462 7.41 -13.85 -20.83
C LEU A 462 6.76 -15.04 -21.52
N GLU A 463 5.52 -15.35 -21.12
CA GLU A 463 4.72 -16.31 -21.85
C GLU A 463 4.55 -15.91 -23.31
N ASP A 464 4.35 -14.62 -23.55
CA ASP A 464 4.17 -14.10 -24.89
C ASP A 464 4.68 -12.67 -24.93
N ASP A 465 5.66 -12.34 -25.77
CA ASP A 465 6.29 -11.03 -25.80
C ASP A 465 5.81 -10.16 -26.95
N SER A 466 4.74 -10.57 -27.64
CA SER A 466 4.32 -9.84 -28.84
C SER A 466 3.83 -8.44 -28.50
N THR A 467 3.23 -8.22 -27.34
CA THR A 467 2.78 -6.90 -26.94
C THR A 467 3.40 -6.57 -25.57
N ALA A 468 4.68 -6.90 -25.42
CA ALA A 468 5.33 -6.81 -24.12
C ALA A 468 5.41 -5.37 -23.63
N ALA A 469 5.90 -4.46 -24.47
CA ALA A 469 6.05 -3.08 -24.05
C ALA A 469 4.71 -2.46 -23.66
N ALA A 470 3.68 -2.71 -24.46
CA ALA A 470 2.36 -2.16 -24.16
C ALA A 470 1.79 -2.76 -22.90
N ASP A 471 2.01 -4.06 -22.68
CA ASP A 471 1.51 -4.69 -21.48
C ASP A 471 2.12 -4.05 -20.24
N HIS A 472 3.38 -3.67 -20.32
CA HIS A 472 4.08 -3.06 -19.19
C HIS A 472 3.67 -1.63 -18.95
N ALA A 473 3.37 -0.88 -20.00
CA ALA A 473 3.05 0.53 -19.85
C ALA A 473 1.61 0.76 -19.42
N GLY A 474 0.71 -0.14 -19.72
CA GLY A 474 -0.71 0.09 -19.50
C GLY A 474 -1.14 -0.06 -18.07
N GLU A 475 -1.56 1.05 -17.46
CA GLU A 475 -1.99 1.06 -16.07
C GLU A 475 -3.51 1.02 -15.96
N LEU A 476 -3.99 0.38 -14.89
CA LEU A 476 -5.41 0.42 -14.50
C LEU A 476 -5.50 1.03 -13.11
N PHE A 477 -6.25 2.13 -13.04
CA PHE A 477 -6.39 2.89 -11.81
C PHE A 477 -7.31 2.16 -10.82
N GLY A 478 -7.06 2.39 -9.54
CA GLY A 478 -7.90 1.81 -8.50
C GLY A 478 -7.28 2.09 -7.15
N VAL A 479 -7.69 1.28 -6.17
CA VAL A 479 -7.12 1.40 -4.82
C VAL A 479 -5.60 1.39 -4.91
N ALA A 480 -5.07 0.46 -5.68
CA ALA A 480 -3.66 0.46 -6.08
C ALA A 480 -3.59 0.37 -7.58
N VAL A 481 -2.74 1.19 -8.20
CA VAL A 481 -2.56 1.22 -9.64
C VAL A 481 -1.79 -0.02 -10.08
N ARG A 482 -2.33 -0.78 -11.01
CA ARG A 482 -1.59 -1.96 -11.42
C ARG A 482 -1.64 -2.19 -12.92
N ARG A 483 -0.74 -3.05 -13.39
CA ARG A 483 -0.72 -3.44 -14.78
C ARG A 483 -2.12 -3.87 -15.20
N ALA A 484 -2.64 -3.27 -16.26
CA ALA A 484 -3.93 -3.69 -16.78
C ALA A 484 -3.88 -5.14 -17.23
N VAL A 485 -2.81 -5.53 -17.90
CA VAL A 485 -2.57 -6.91 -18.31
C VAL A 485 -1.74 -7.60 -17.22
N PRO A 486 -2.28 -8.59 -16.51
CA PRO A 486 -1.47 -9.29 -15.52
C PRO A 486 -0.23 -9.94 -16.12
N LEU A 487 0.87 -9.86 -15.39
CA LEU A 487 2.14 -10.40 -15.84
C LEU A 487 2.12 -11.93 -15.75
N ARG A 488 2.40 -12.57 -16.88
CA ARG A 488 2.42 -14.04 -16.97
C ARG A 488 3.82 -14.45 -17.45
N ILE A 489 4.59 -15.11 -16.59
CA ILE A 489 5.97 -15.44 -16.89
C ILE A 489 6.23 -16.88 -16.48
N ILE A 490 7.10 -17.53 -17.25
CA ILE A 490 7.37 -18.95 -17.04
C ILE A 490 8.68 -19.08 -16.28
N PRO A 491 8.68 -19.81 -15.16
CA PRO A 491 9.92 -20.05 -14.39
C PRO A 491 10.70 -21.26 -14.86
N ILE A 492 11.99 -21.08 -14.99
CA ILE A 492 12.88 -22.15 -15.39
C ILE A 492 14.16 -22.15 -14.54
N VAL A 493 14.80 -23.32 -14.41
CA VAL A 493 16.09 -23.48 -13.78
C VAL A 493 16.95 -24.28 -14.74
CHA HEM B . -1.12 4.97 5.28
CHB HEM B . 1.44 3.70 1.50
CHC HEM B . 1.77 -0.78 3.19
CHD HEM B . -1.09 0.45 6.82
C1A HEM B . -0.43 5.00 4.13
C2A HEM B . -0.28 6.15 3.34
C3A HEM B . 0.43 5.79 2.28
C4A HEM B . 0.73 4.43 2.38
CMA HEM B . 0.82 6.68 1.17
CAA HEM B . -0.76 7.55 3.60
CBA HEM B . 0.34 8.35 4.27
CGA HEM B . 0.04 9.84 4.58
O1A HEM B . 0.97 10.62 4.60
O2A HEM B . -1.11 10.18 4.83
C1B HEM B . 1.75 2.35 1.65
C2B HEM B . 2.54 1.66 0.70
C3B HEM B . 2.61 0.40 1.11
C4B HEM B . 1.86 0.34 2.40
CMB HEM B . 3.11 2.21 -0.58
CAB HEM B . 3.34 -0.61 0.36
CBB HEM B . 3.18 -1.81 0.69
C1C HEM B . 1.09 -0.85 4.39
C2C HEM B . 1.02 -1.95 5.28
C3C HEM B . 0.21 -1.58 6.31
C4C HEM B . -0.24 -0.26 6.02
CMC HEM B . 1.73 -3.25 5.15
CAC HEM B . -0.15 -2.40 7.45
CBC HEM B . 0.64 -3.34 7.88
C1D HEM B . -1.34 1.79 6.66
C2D HEM B . -2.24 2.53 7.59
C3D HEM B . -2.25 3.79 7.17
C4D HEM B . -1.38 3.80 5.97
CMD HEM B . -3.00 2.00 8.77
CAD HEM B . -3.04 4.96 7.79
CBD HEM B . -2.23 5.79 8.77
CGD HEM B . -2.84 7.08 9.27
O1D HEM B . -2.54 7.44 10.38
O2D HEM B . -3.61 7.68 8.59
NA HEM B . 0.19 3.99 3.49
NB HEM B . 1.43 1.55 2.60
NC HEM B . 0.35 0.11 4.88
ND HEM B . -0.86 2.60 5.74
FE HEM B . 0.34 2.15 4.29
C1 J6C C . -8.22 0.98 4.78
C2 J6C C . -7.76 2.01 3.85
C3 J6C C . -9.67 1.12 5.22
C4 J6C C . -8.69 2.10 2.60
C5 J6C C . -7.25 1.01 5.95
C6 J6C C . -10.54 1.95 4.27
C7 J6C C . -6.34 1.75 3.43
C8 J6C C . -10.17 1.77 2.81
C9 J6C C . -5.71 1.14 5.64
C10 J6C C . -5.50 1.93 4.39
C11 J6C C . -7.70 3.34 4.62
C12 J6C C . -9.83 1.81 6.56
C13 J6C C . -10.17 -0.30 5.35
C14 J6C C . -6.06 2.39 2.08
C15 J6C C . -4.02 2.13 4.21
C16 J6C C . -3.70 2.48 2.76
C17 J6C C . -4.63 2.88 1.95
C18 J6C C . -2.23 2.78 2.43
C19 J6C C . -2.21 2.99 0.94
C20 J6C C . -1.36 1.66 2.90
#